data_2J15
#
_entry.id   2J15
#
_cell.length_a   1.000
_cell.length_b   1.000
_cell.length_c   1.000
_cell.angle_alpha   90.00
_cell.angle_beta   90.00
_cell.angle_gamma   90.00
#
_symmetry.space_group_name_H-M   'P 1'
#
_entity_poly.entity_id   1
_entity_poly.type   'polypeptide(L)'
_entity_poly.pdbx_seq_one_letter_code
;NGVCCGYKLCH(HYP)CAG
;
_entity_poly.pdbx_strand_id   A
#
# COMPACT_ATOMS: atom_id res chain seq x y z
N ASN A 1 2.97 7.51 3.49
CA ASN A 1 3.43 8.24 2.32
C ASN A 1 2.43 8.09 1.18
N GLY A 2 1.78 6.94 1.13
CA GLY A 2 0.81 6.69 0.09
C GLY A 2 0.28 5.27 0.18
N VAL A 3 -0.29 4.79 -0.91
CA VAL A 3 -0.83 3.44 -0.96
C VAL A 3 0.07 2.54 -1.80
N CYS A 4 0.30 1.34 -1.30
CA CYS A 4 1.13 0.36 -1.99
C CYS A 4 0.37 -0.94 -2.19
N CYS A 5 0.47 -1.51 -3.38
CA CYS A 5 -0.21 -2.74 -3.68
C CYS A 5 0.79 -3.89 -3.66
N GLY A 6 0.49 -4.91 -2.88
CA GLY A 6 1.37 -6.05 -2.77
C GLY A 6 0.69 -7.36 -3.07
N TYR A 7 0.37 -8.10 -2.02
CA TYR A 7 -0.29 -9.41 -2.12
C TYR A 7 -1.75 -9.27 -2.57
N LYS A 8 -1.94 -8.69 -3.75
CA LYS A 8 -3.24 -8.45 -4.38
C LYS A 8 -4.14 -7.61 -3.46
N LEU A 9 -3.49 -6.77 -2.67
CA LEU A 9 -4.21 -5.89 -1.75
C LEU A 9 -3.40 -4.62 -1.55
N CYS A 10 -4.00 -3.49 -1.86
CA CYS A 10 -3.34 -2.20 -1.72
C CYS A 10 -3.60 -1.65 -0.33
N HIS A 11 -2.54 -1.18 0.31
CA HIS A 11 -2.63 -0.60 1.66
C HIS A 11 -1.54 0.43 1.84
N HYP A 12 -1.73 1.40 2.76
CA HYP A 12 -0.72 2.43 3.00
C HYP A 12 0.64 1.83 3.33
O HYP A 12 0.75 0.93 4.16
CB HYP A 12 -1.27 3.18 4.20
CG HYP A 12 -2.75 3.06 4.03
CD HYP A 12 -3.02 1.76 3.37
OD1 HYP A 12 -3.25 4.10 3.21
HA HYP A 12 -0.62 3.11 2.16
HB2 HYP A 12 -0.95 4.20 4.17
HB3 HYP A 12 -0.93 2.70 5.11
HG HYP A 12 -3.25 3.16 4.99
HD22 HYP A 12 -3.32 1.01 4.10
HD23 HYP A 12 -3.79 1.86 2.61
HD1 HYP A 12 -4.06 4.40 3.63
N CYS A 13 1.66 2.31 2.64
CA CYS A 13 3.01 1.81 2.82
C CYS A 13 3.58 2.27 4.16
N ALA A 14 3.55 3.57 4.40
CA ALA A 14 4.06 4.16 5.63
C ALA A 14 3.60 5.60 5.78
N GLY A 15 2.34 5.84 5.46
CA GLY A 15 1.78 7.18 5.56
C GLY A 15 2.17 8.06 4.39
N ASN A 1 5.14 7.30 1.95
CA ASN A 1 5.23 6.88 0.55
C ASN A 1 3.89 7.05 -0.16
N GLY A 2 2.83 6.52 0.44
CA GLY A 2 1.53 6.61 -0.17
C GLY A 2 0.84 5.27 -0.17
N VAL A 3 0.13 4.98 -1.24
CA VAL A 3 -0.57 3.71 -1.36
C VAL A 3 0.37 2.68 -1.99
N CYS A 4 0.35 1.48 -1.45
CA CYS A 4 1.19 0.41 -1.95
C CYS A 4 0.39 -0.88 -2.09
N CYS A 5 0.34 -1.41 -3.30
CA CYS A 5 -0.40 -2.62 -3.56
C CYS A 5 0.56 -3.79 -3.72
N GLY A 6 0.35 -4.81 -2.91
CA GLY A 6 1.23 -5.96 -2.95
C GLY A 6 0.53 -7.24 -3.40
N TYR A 7 0.16 -8.06 -2.43
CA TYR A 7 -0.53 -9.33 -2.67
C TYR A 7 -1.96 -9.11 -3.15
N LYS A 8 -2.07 -8.52 -4.34
CA LYS A 8 -3.35 -8.17 -4.99
C LYS A 8 -4.27 -7.43 -4.02
N LEU A 9 -3.66 -6.63 -3.16
CA LEU A 9 -4.37 -5.83 -2.18
C LEU A 9 -3.54 -4.60 -1.88
N CYS A 10 -4.18 -3.45 -1.90
CA CYS A 10 -3.48 -2.20 -1.64
C CYS A 10 -3.52 -1.86 -0.16
N HIS A 11 -2.38 -1.47 0.36
CA HIS A 11 -2.22 -1.11 1.75
C HIS A 11 -1.56 0.26 1.84
N HYP A 12 -1.78 1.02 2.92
CA HYP A 12 -1.15 2.33 3.05
C HYP A 12 0.28 2.23 3.56
O HYP A 12 0.55 1.59 4.57
CB HYP A 12 -2.04 3.04 4.04
CG HYP A 12 -3.39 2.48 3.76
CD HYP A 12 -3.20 1.06 3.31
OD1 HYP A 12 -4.03 3.19 2.72
HA HYP A 12 -1.16 2.86 2.10
HB2 HYP A 12 -2.01 4.11 3.88
HB3 HYP A 12 -1.72 2.81 5.05
HG HYP A 12 -4.04 2.57 4.63
HD22 HYP A 12 -3.40 0.38 4.13
HD23 HYP A 12 -3.84 0.85 2.48
HD1 HYP A 12 -4.64 3.81 3.15
N CYS A 13 1.18 2.89 2.86
CA CYS A 13 2.59 2.90 3.22
C CYS A 13 2.96 4.28 3.77
N ALA A 14 3.42 4.31 5.01
CA ALA A 14 3.80 5.56 5.66
C ALA A 14 5.01 6.19 4.99
N GLY A 15 4.89 7.47 4.66
CA GLY A 15 5.97 8.20 4.02
C GLY A 15 6.19 7.78 2.58
N ASN A 1 5.11 7.16 2.20
CA ASN A 1 5.26 6.59 0.87
C ASN A 1 3.96 6.75 0.07
N GLY A 2 2.86 6.31 0.65
CA GLY A 2 1.58 6.40 -0.03
C GLY A 2 0.88 5.07 -0.06
N VAL A 3 0.15 4.80 -1.12
CA VAL A 3 -0.54 3.55 -1.25
C VAL A 3 0.34 2.50 -1.92
N CYS A 4 0.38 1.32 -1.34
CA CYS A 4 1.20 0.25 -1.86
C CYS A 4 0.34 -0.97 -2.18
N CYS A 5 0.34 -1.38 -3.43
CA CYS A 5 -0.42 -2.54 -3.86
C CYS A 5 0.51 -3.72 -4.09
N GLY A 6 0.27 -4.79 -3.35
CA GLY A 6 1.10 -5.98 -3.46
C GLY A 6 0.42 -7.11 -4.19
N TYR A 7 0.22 -8.22 -3.47
CA TYR A 7 -0.41 -9.42 -4.01
C TYR A 7 -1.92 -9.23 -4.24
N LYS A 8 -2.24 -8.22 -5.05
CA LYS A 8 -3.63 -7.87 -5.37
C LYS A 8 -4.33 -7.30 -4.14
N LEU A 9 -3.56 -6.56 -3.35
CA LEU A 9 -4.08 -5.93 -2.15
C LEU A 9 -3.29 -4.65 -1.89
N CYS A 10 -3.99 -3.54 -1.83
CA CYS A 10 -3.35 -2.25 -1.59
C CYS A 10 -3.46 -1.87 -0.12
N HIS A 11 -2.37 -1.34 0.43
CA HIS A 11 -2.33 -0.92 1.82
C HIS A 11 -1.50 0.35 1.93
N HYP A 12 -1.90 1.26 2.83
CA HYP A 12 -1.19 2.53 3.01
C HYP A 12 0.17 2.34 3.69
O HYP A 12 0.31 1.58 4.64
CB HYP A 12 -2.11 3.34 3.91
CG HYP A 12 -3.47 2.80 3.61
CD HYP A 12 -3.29 1.34 3.32
OD1 HYP A 12 -4.03 3.41 2.47
HA HYP A 12 -1.04 3.05 2.07
HB2 HYP A 12 -2.05 4.39 3.65
HB3 HYP A 12 -1.84 3.20 4.95
HG HYP A 12 -4.15 2.98 4.43
HD22 HYP A 12 -3.41 0.76 4.23
HD23 HYP A 12 -3.99 1.02 2.57
HD1 HYP A 12 -4.80 3.91 2.79
N CYS A 13 1.16 3.05 3.17
CA CYS A 13 2.51 3.00 3.70
C CYS A 13 2.90 4.38 4.21
N ALA A 14 3.35 4.44 5.45
CA ALA A 14 3.74 5.71 6.06
C ALA A 14 4.94 6.31 5.36
N GLY A 15 4.80 7.56 4.90
CA GLY A 15 5.88 8.24 4.22
C GLY A 15 6.15 7.66 2.84
N ASN A 1 5.15 6.86 2.06
CA ASN A 1 5.26 6.26 0.74
C ASN A 1 3.97 6.43 -0.06
N GLY A 2 2.84 6.25 0.61
CA GLY A 2 1.56 6.37 -0.06
C GLY A 2 0.84 5.06 -0.08
N VAL A 3 0.13 4.78 -1.15
CA VAL A 3 -0.60 3.53 -1.28
C VAL A 3 0.30 2.48 -1.90
N CYS A 4 0.37 1.32 -1.28
CA CYS A 4 1.20 0.23 -1.78
C CYS A 4 0.34 -0.98 -2.15
N CYS A 5 0.40 -1.37 -3.40
CA CYS A 5 -0.36 -2.52 -3.87
C CYS A 5 0.58 -3.68 -4.10
N GLY A 6 0.23 -4.83 -3.55
CA GLY A 6 1.08 -6.00 -3.70
C GLY A 6 0.31 -7.27 -4.03
N TYR A 7 0.07 -8.07 -3.01
CA TYR A 7 -0.65 -9.35 -3.14
C TYR A 7 -2.13 -9.13 -3.44
N LYS A 8 -2.40 -8.49 -4.58
CA LYS A 8 -3.75 -8.15 -5.05
C LYS A 8 -4.53 -7.42 -3.96
N LEU A 9 -3.81 -6.65 -3.17
CA LEU A 9 -4.37 -5.87 -2.09
C LEU A 9 -3.51 -4.65 -1.86
N CYS A 10 -4.13 -3.48 -1.79
CA CYS A 10 -3.39 -2.25 -1.59
C CYS A 10 -3.49 -1.82 -0.12
N HIS A 11 -2.37 -1.39 0.44
CA HIS A 11 -2.32 -0.95 1.82
C HIS A 11 -1.46 0.31 1.93
N HYP A 12 -1.88 1.27 2.76
CA HYP A 12 -1.14 2.53 2.94
C HYP A 12 0.19 2.34 3.64
O HYP A 12 0.31 1.55 4.58
CB HYP A 12 -2.08 3.37 3.79
CG HYP A 12 -3.43 2.85 3.47
CD HYP A 12 -3.29 1.39 3.21
OD1 HYP A 12 -3.96 3.45 2.30
HA HYP A 12 -0.98 3.02 1.99
HB2 HYP A 12 -1.98 4.41 3.52
HB3 HYP A 12 -1.83 3.24 4.84
HG HYP A 12 -4.14 3.07 4.27
HD22 HYP A 12 -3.44 0.83 4.13
HD23 HYP A 12 -3.97 1.07 2.45
HD1 HYP A 12 -4.70 4.00 2.59
N CYS A 13 1.19 3.08 3.18
CA CYS A 13 2.52 3.03 3.74
C CYS A 13 2.93 4.44 4.18
N ALA A 14 3.36 4.57 5.43
CA ALA A 14 3.76 5.86 5.97
C ALA A 14 4.97 6.42 5.22
N GLY A 15 4.79 7.60 4.64
CA GLY A 15 5.88 8.24 3.91
C GLY A 15 6.09 7.67 2.52
N ASN A 1 1.79 7.76 3.77
CA ASN A 1 2.38 8.65 2.78
C ASN A 1 1.91 8.28 1.37
N GLY A 2 1.57 7.02 1.20
CA GLY A 2 1.13 6.55 -0.10
C GLY A 2 0.56 5.15 -0.02
N VAL A 3 -0.25 4.80 -1.00
CA VAL A 3 -0.85 3.47 -1.04
C VAL A 3 0.07 2.51 -1.77
N CYS A 4 0.27 1.36 -1.18
CA CYS A 4 1.15 0.35 -1.76
C CYS A 4 0.37 -0.93 -2.02
N CYS A 5 0.43 -1.43 -3.24
CA CYS A 5 -0.28 -2.64 -3.60
C CYS A 5 0.71 -3.80 -3.68
N GLY A 6 0.40 -4.89 -3.01
CA GLY A 6 1.31 -6.02 -3.03
C GLY A 6 0.61 -7.37 -2.98
N TYR A 7 0.11 -7.74 -1.81
CA TYR A 7 -0.55 -9.02 -1.62
C TYR A 7 -1.96 -9.05 -2.22
N LYS A 8 -2.06 -8.69 -3.50
CA LYS A 8 -3.32 -8.67 -4.24
C LYS A 8 -4.29 -7.65 -3.61
N LEU A 9 -3.74 -6.78 -2.78
CA LEU A 9 -4.51 -5.75 -2.11
C LEU A 9 -3.62 -4.56 -1.84
N CYS A 10 -4.18 -3.38 -1.96
CA CYS A 10 -3.43 -2.15 -1.73
C CYS A 10 -3.57 -1.71 -0.27
N HIS A 11 -2.45 -1.29 0.30
CA HIS A 11 -2.41 -0.85 1.68
C HIS A 11 -1.36 0.25 1.81
N HYP A 12 -1.68 1.36 2.50
CA HYP A 12 -0.72 2.45 2.67
C HYP A 12 0.52 1.99 3.42
O HYP A 12 0.41 1.33 4.45
CB HYP A 12 -1.49 3.47 3.49
CG HYP A 12 -2.90 3.28 3.05
CD HYP A 12 -3.07 1.81 2.72
OD1 HYP A 12 -3.19 4.02 1.89
HA HYP A 12 -0.43 2.87 1.73
HB2 HYP A 12 -1.14 4.46 3.26
HB3 HYP A 12 -1.37 3.27 4.55
HG HYP A 12 -3.59 3.61 3.82
HD22 HYP A 12 -3.52 1.30 3.54
HD23 HYP A 12 -3.66 1.70 1.83
HD1 HYP A 12 -3.79 4.72 2.18
N CYS A 13 1.69 2.33 2.89
CA CYS A 13 2.95 1.94 3.49
C CYS A 13 3.14 2.62 4.85
N ALA A 14 2.89 3.92 4.89
CA ALA A 14 3.02 4.67 6.13
C ALA A 14 2.21 5.96 6.08
N GLY A 15 1.03 5.86 5.47
CA GLY A 15 0.15 7.00 5.36
C GLY A 15 0.62 8.01 4.34
N ASN A 1 4.99 7.30 2.46
CA ASN A 1 5.24 6.82 1.11
C ASN A 1 4.00 6.97 0.24
N GLY A 2 2.89 6.41 0.70
CA GLY A 2 1.65 6.49 -0.06
C GLY A 2 0.94 5.16 -0.08
N VAL A 3 0.25 4.88 -1.16
CA VAL A 3 -0.47 3.62 -1.30
C VAL A 3 0.44 2.55 -1.91
N CYS A 4 0.40 1.37 -1.35
CA CYS A 4 1.20 0.27 -1.82
C CYS A 4 0.32 -0.91 -2.16
N CYS A 5 0.38 -1.37 -3.40
CA CYS A 5 -0.43 -2.50 -3.84
C CYS A 5 0.46 -3.70 -4.11
N GLY A 6 0.18 -4.79 -3.43
CA GLY A 6 0.96 -6.00 -3.59
C GLY A 6 0.24 -7.08 -4.39
N TYR A 7 0.04 -8.23 -3.75
CA TYR A 7 -0.63 -9.37 -4.36
C TYR A 7 -2.13 -9.14 -4.54
N LYS A 8 -2.46 -8.09 -5.27
CA LYS A 8 -3.85 -7.70 -5.55
C LYS A 8 -4.51 -7.17 -4.29
N LEU A 9 -3.73 -6.48 -3.49
CA LEU A 9 -4.20 -5.89 -2.25
C LEU A 9 -3.40 -4.64 -1.96
N CYS A 10 -4.09 -3.52 -1.78
CA CYS A 10 -3.42 -2.26 -1.52
C CYS A 10 -3.47 -1.89 -0.04
N HIS A 11 -2.34 -1.46 0.47
CA HIS A 11 -2.21 -1.07 1.86
C HIS A 11 -1.46 0.25 1.93
N HYP A 12 -1.95 1.20 2.74
CA HYP A 12 -1.27 2.50 2.87
C HYP A 12 0.03 2.40 3.65
O HYP A 12 0.07 1.83 4.74
CB HYP A 12 -2.29 3.34 3.62
CG HYP A 12 -3.59 2.81 3.16
CD HYP A 12 -3.40 1.34 2.91
OD1 HYP A 12 -4.01 3.42 1.95
HA HYP A 12 -1.08 2.94 1.90
HB2 HYP A 12 -2.17 4.38 3.36
HB3 HYP A 12 -2.15 3.22 4.69
HG HYP A 12 -4.37 3.01 3.88
HD22 HYP A 12 -3.76 0.76 3.75
HD23 HYP A 12 -3.92 1.05 2.00
HD1 HYP A 12 -4.61 4.12 2.20
N CYS A 13 1.07 2.96 3.07
CA CYS A 13 2.39 2.96 3.68
C CYS A 13 2.69 4.36 4.22
N ALA A 14 3.00 4.44 5.50
CA ALA A 14 3.31 5.71 6.14
C ALA A 14 4.57 6.33 5.57
N GLY A 15 4.46 7.58 5.13
CA GLY A 15 5.60 8.28 4.58
C GLY A 15 5.98 7.80 3.20
N ASN A 1 2.87 7.64 3.42
CA ASN A 1 3.38 8.34 2.25
C ASN A 1 2.43 8.16 1.07
N GLY A 2 1.76 7.02 1.05
CA GLY A 2 0.82 6.74 -0.01
C GLY A 2 0.28 5.33 0.11
N VAL A 3 -0.24 4.81 -0.98
CA VAL A 3 -0.79 3.46 -1.00
C VAL A 3 0.11 2.54 -1.81
N CYS A 4 0.33 1.34 -1.29
CA CYS A 4 1.16 0.36 -1.96
C CYS A 4 0.37 -0.92 -2.16
N CYS A 5 0.43 -1.48 -3.34
CA CYS A 5 -0.29 -2.70 -3.65
C CYS A 5 0.66 -3.89 -3.67
N GLY A 6 0.41 -4.85 -2.80
CA GLY A 6 1.25 -6.02 -2.71
C GLY A 6 0.66 -7.22 -3.41
N TYR A 7 0.34 -8.25 -2.63
CA TYR A 7 -0.24 -9.49 -3.14
C TYR A 7 -1.69 -9.31 -3.58
N LYS A 8 -1.90 -8.41 -4.53
CA LYS A 8 -3.22 -8.09 -5.07
C LYS A 8 -4.07 -7.40 -4.02
N LEU A 9 -3.42 -6.60 -3.19
CA LEU A 9 -4.09 -5.85 -2.15
C LEU A 9 -3.31 -4.57 -1.87
N CYS A 10 -3.99 -3.44 -1.95
CA CYS A 10 -3.35 -2.16 -1.71
C CYS A 10 -3.55 -1.72 -0.28
N HIS A 11 -2.49 -1.21 0.32
CA HIS A 11 -2.51 -0.75 1.70
C HIS A 11 -1.49 0.37 1.86
N HYP A 12 -1.76 1.36 2.72
CA HYP A 12 -0.80 2.45 2.93
C HYP A 12 0.55 1.92 3.37
O HYP A 12 0.63 1.14 4.31
CB HYP A 12 -1.47 3.28 4.01
CG HYP A 12 -2.92 3.14 3.72
CD HYP A 12 -3.13 1.79 3.08
OD1 HYP A 12 -3.35 4.12 2.79
HA HYP A 12 -0.69 3.05 2.03
HB2 HYP A 12 -1.14 4.30 3.95
HB3 HYP A 12 -1.22 2.87 4.99
HG HYP A 12 -3.52 3.27 4.61
HD22 HYP A 12 -3.57 1.10 3.79
HD23 HYP A 12 -3.74 1.88 2.20
HD1 HYP A 12 -3.93 4.71 3.29
N CYS A 13 1.58 2.34 2.66
CA CYS A 13 2.94 1.88 2.93
C CYS A 13 3.44 2.41 4.27
N ALA A 14 3.42 3.73 4.43
CA ALA A 14 3.88 4.35 5.67
C ALA A 14 3.42 5.80 5.76
N GLY A 15 2.16 6.02 5.41
CA GLY A 15 1.60 7.36 5.45
C GLY A 15 2.05 8.21 4.28
N ASN A 1 1.22 8.20 4.06
CA ASN A 1 0.57 9.08 3.10
C ASN A 1 0.79 8.57 1.68
N GLY A 2 0.78 7.27 1.55
CA GLY A 2 0.97 6.65 0.25
C GLY A 2 0.49 5.23 0.25
N VAL A 3 -0.18 4.86 -0.82
CA VAL A 3 -0.72 3.52 -0.97
C VAL A 3 0.21 2.64 -1.79
N CYS A 4 0.27 1.37 -1.41
CA CYS A 4 1.10 0.40 -2.08
C CYS A 4 0.35 -0.92 -2.24
N CYS A 5 0.44 -1.52 -3.41
CA CYS A 5 -0.24 -2.78 -3.67
C CYS A 5 0.77 -3.91 -3.65
N GLY A 6 0.54 -4.88 -2.78
CA GLY A 6 1.45 -5.99 -2.65
C GLY A 6 0.82 -7.33 -2.96
N TYR A 7 0.49 -8.07 -1.91
CA TYR A 7 -0.11 -9.40 -2.02
C TYR A 7 -1.55 -9.36 -2.53
N LYS A 8 -1.74 -8.71 -3.69
CA LYS A 8 -3.04 -8.56 -4.36
C LYS A 8 -3.96 -7.65 -3.56
N LEU A 9 -3.37 -6.92 -2.62
CA LEU A 9 -4.12 -5.99 -1.79
C LEU A 9 -3.33 -4.71 -1.61
N CYS A 10 -3.99 -3.59 -1.83
CA CYS A 10 -3.36 -2.28 -1.69
C CYS A 10 -3.59 -1.74 -0.29
N HIS A 11 -2.55 -1.20 0.30
CA HIS A 11 -2.63 -0.64 1.65
C HIS A 11 -1.61 0.49 1.79
N HYP A 12 -1.73 1.34 2.82
CA HYP A 12 -0.78 2.43 3.01
C HYP A 12 0.60 1.91 3.40
O HYP A 12 0.73 0.96 4.17
CB HYP A 12 -1.39 3.22 4.16
CG HYP A 12 -2.85 3.04 3.96
CD HYP A 12 -3.05 1.67 3.41
OD1 HYP A 12 -3.36 3.97 3.03
HA HYP A 12 -0.70 3.05 2.13
HB2 HYP A 12 -1.10 4.26 4.08
HB3 HYP A 12 -1.06 2.82 5.10
HG HYP A 12 -3.39 3.20 4.89
HD22 HYP A 12 -3.30 0.97 4.20
HD23 HYP A 12 -3.82 1.66 2.65
HD1 HYP A 12 -4.02 4.49 3.50
N CYS A 13 1.63 2.52 2.84
CA CYS A 13 3.01 2.12 3.11
C CYS A 13 3.75 3.20 3.89
N ALA A 14 3.78 4.40 3.35
CA ALA A 14 4.48 5.51 4.00
C ALA A 14 3.48 6.43 4.70
N GLY A 15 2.38 5.86 5.14
CA GLY A 15 1.34 6.60 5.82
C GLY A 15 0.52 7.45 4.88
N ASN A 1 2.16 7.37 4.17
CA ASN A 1 2.57 8.34 3.17
C ASN A 1 1.75 8.16 1.89
N GLY A 2 1.61 6.92 1.44
CA GLY A 2 0.85 6.65 0.24
C GLY A 2 0.29 5.26 0.25
N VAL A 3 -0.26 4.83 -0.89
CA VAL A 3 -0.84 3.51 -1.02
C VAL A 3 0.07 2.61 -1.86
N CYS A 4 0.28 1.40 -1.39
CA CYS A 4 1.10 0.43 -2.08
C CYS A 4 0.36 -0.90 -2.19
N CYS A 5 0.44 -1.54 -3.35
CA CYS A 5 -0.23 -2.80 -3.56
C CYS A 5 0.79 -3.93 -3.49
N GLY A 6 0.55 -4.86 -2.58
CA GLY A 6 1.46 -5.97 -2.39
C GLY A 6 0.86 -7.32 -2.73
N TYR A 7 0.46 -8.05 -1.69
CA TYR A 7 -0.14 -9.38 -1.83
C TYR A 7 -1.54 -9.33 -2.42
N LYS A 8 -1.65 -8.71 -3.60
CA LYS A 8 -2.93 -8.57 -4.32
C LYS A 8 -3.89 -7.70 -3.51
N LEU A 9 -3.32 -6.80 -2.72
CA LEU A 9 -4.10 -5.89 -1.91
C LEU A 9 -3.32 -4.61 -1.69
N CYS A 10 -3.97 -3.49 -1.92
CA CYS A 10 -3.33 -2.20 -1.75
C CYS A 10 -3.59 -1.66 -0.35
N HIS A 11 -2.55 -1.16 0.28
CA HIS A 11 -2.64 -0.62 1.63
C HIS A 11 -1.59 0.47 1.81
N HYP A 12 -1.69 1.29 2.88
CA HYP A 12 -0.70 2.34 3.11
C HYP A 12 0.69 1.76 3.23
O HYP A 12 0.92 0.78 3.94
CB HYP A 12 -1.15 2.94 4.43
CG HYP A 12 -2.62 2.79 4.41
CD HYP A 12 -2.95 1.57 3.60
OD1 HYP A 12 -3.25 3.91 3.80
HA HYP A 12 -0.72 3.09 2.34
HB2 HYP A 12 -0.85 3.98 4.49
HB3 HYP A 12 -0.70 2.39 5.26
HG HYP A 12 -3.02 2.74 5.41
HD22 HYP A 12 -3.22 0.75 4.24
HD23 HYP A 12 -3.76 1.79 2.90
HD1 HYP A 12 -4.05 4.08 4.31
N CYS A 13 1.64 2.35 2.51
CA CYS A 13 3.01 1.89 2.51
C CYS A 13 3.66 2.07 3.87
N ALA A 14 3.56 3.30 4.38
CA ALA A 14 4.13 3.62 5.69
C ALA A 14 3.66 5.00 6.14
N GLY A 15 2.37 5.25 6.00
CA GLY A 15 1.81 6.53 6.39
C GLY A 15 2.26 7.64 5.47
N ASN A 1 0.36 7.08 4.41
CA ASN A 1 0.47 8.21 3.51
C ASN A 1 0.33 7.77 2.06
N GLY A 2 1.23 6.91 1.61
CA GLY A 2 1.16 6.42 0.25
C GLY A 2 0.57 5.04 0.19
N VAL A 3 -0.19 4.79 -0.85
CA VAL A 3 -0.82 3.50 -1.03
C VAL A 3 0.09 2.57 -1.80
N CYS A 4 0.24 1.36 -1.31
CA CYS A 4 1.11 0.38 -1.94
C CYS A 4 0.35 -0.93 -2.15
N CYS A 5 0.44 -1.49 -3.34
CA CYS A 5 -0.24 -2.73 -3.65
C CYS A 5 0.76 -3.88 -3.65
N GLY A 6 0.49 -4.88 -2.85
CA GLY A 6 1.40 -6.02 -2.75
C GLY A 6 0.73 -7.34 -3.08
N TYR A 7 0.38 -8.08 -2.04
CA TYR A 7 -0.28 -9.39 -2.18
C TYR A 7 -1.71 -9.25 -2.66
N LYS A 8 -1.86 -8.72 -3.87
CA LYS A 8 -3.14 -8.46 -4.52
C LYS A 8 -4.07 -7.66 -3.62
N LEU A 9 -3.45 -6.79 -2.83
CA LEU A 9 -4.17 -5.91 -1.92
C LEU A 9 -3.38 -4.64 -1.72
N CYS A 10 -4.04 -3.51 -1.88
CA CYS A 10 -3.38 -2.23 -1.72
C CYS A 10 -3.59 -1.70 -0.32
N HIS A 11 -2.51 -1.22 0.29
CA HIS A 11 -2.56 -0.68 1.65
C HIS A 11 -1.48 0.39 1.81
N HYP A 12 -1.70 1.38 2.68
CA HYP A 12 -0.71 2.44 2.89
C HYP A 12 0.60 1.91 3.45
O HYP A 12 0.61 1.09 4.37
CB HYP A 12 -1.39 3.35 3.90
CG HYP A 12 -2.83 3.22 3.55
CD HYP A 12 -3.05 1.80 3.10
OD1 HYP A 12 -3.19 4.08 2.49
HA HYP A 12 -0.52 2.98 1.98
HB2 HYP A 12 -1.05 4.36 3.77
HB3 HYP A 12 -1.19 3.00 4.90
HG HYP A 12 -3.47 3.50 4.39
HD22 HYP A 12 -3.40 1.20 3.92
HD23 HYP A 12 -3.75 1.77 2.28
HD1 HYP A 12 -3.96 4.56 2.78
N CYS A 13 1.70 2.36 2.87
CA CYS A 13 3.03 1.93 3.30
C CYS A 13 3.38 2.50 4.66
N ALA A 14 2.98 3.74 4.89
CA ALA A 14 3.25 4.41 6.16
C ALA A 14 2.18 5.45 6.47
N GLY A 15 0.94 5.08 6.21
CA GLY A 15 -0.18 5.97 6.46
C GLY A 15 -0.12 7.22 5.63
N ASN A 1 4.11 7.00 3.06
CA ASN A 1 4.38 7.48 1.71
C ASN A 1 3.07 7.62 0.94
N GLY A 2 2.30 6.55 0.90
CA GLY A 2 1.04 6.55 0.19
C GLY A 2 0.42 5.18 0.18
N VAL A 3 -0.19 4.83 -0.94
CA VAL A 3 -0.81 3.52 -1.09
C VAL A 3 0.13 2.60 -1.85
N CYS A 4 0.27 1.38 -1.35
CA CYS A 4 1.12 0.38 -1.98
C CYS A 4 0.36 -0.92 -2.16
N CYS A 5 0.43 -1.50 -3.35
CA CYS A 5 -0.25 -2.74 -3.63
C CYS A 5 0.72 -3.90 -3.63
N GLY A 6 0.47 -4.85 -2.74
CA GLY A 6 1.34 -6.01 -2.63
C GLY A 6 0.74 -7.25 -3.27
N TYR A 7 0.46 -8.24 -2.43
CA TYR A 7 -0.12 -9.52 -2.88
C TYR A 7 -1.58 -9.37 -3.32
N LYS A 8 -1.79 -8.52 -4.31
CA LYS A 8 -3.11 -8.23 -4.86
C LYS A 8 -3.97 -7.52 -3.81
N LEU A 9 -3.31 -6.69 -3.02
CA LEU A 9 -3.98 -5.93 -1.98
C LEU A 9 -3.24 -4.62 -1.75
N CYS A 10 -3.94 -3.51 -1.91
CA CYS A 10 -3.34 -2.21 -1.72
C CYS A 10 -3.58 -1.70 -0.31
N HIS A 11 -2.53 -1.20 0.32
CA HIS A 11 -2.61 -0.66 1.67
C HIS A 11 -1.56 0.43 1.83
N HYP A 12 -1.73 1.31 2.83
CA HYP A 12 -0.76 2.39 3.07
C HYP A 12 0.63 1.84 3.31
O HYP A 12 0.82 0.83 4.00
CB HYP A 12 -1.31 3.07 4.31
CG HYP A 12 -2.78 2.89 4.20
CD HYP A 12 -3.02 1.58 3.51
OD1 HYP A 12 -3.37 3.92 3.43
HA HYP A 12 -0.75 3.09 2.24
HB2 HYP A 12 -1.03 4.12 4.30
HB3 HYP A 12 -0.91 2.59 5.20
HG HYP A 12 -3.25 2.94 5.18
HD22 HYP A 12 -3.24 0.81 4.23
HD23 HYP A 12 -3.82 1.67 2.79
HD1 HYP A 12 -3.94 4.41 4.02
N CYS A 13 1.61 2.51 2.73
CA CYS A 13 3.01 2.11 2.87
C CYS A 13 3.59 2.65 4.18
N ALA A 14 4.91 2.61 4.30
CA ALA A 14 5.59 3.10 5.50
C ALA A 14 5.68 4.63 5.50
N GLY A 15 4.54 5.29 5.41
CA GLY A 15 4.53 6.75 5.41
C GLY A 15 4.91 7.33 4.07
N ASN A 1 5.31 6.73 1.70
CA ASN A 1 5.32 6.11 0.37
C ASN A 1 3.98 6.26 -0.33
N GLY A 2 2.90 6.30 0.44
CA GLY A 2 1.59 6.42 -0.15
C GLY A 2 0.87 5.09 -0.16
N VAL A 3 0.16 4.81 -1.22
CA VAL A 3 -0.55 3.55 -1.33
C VAL A 3 0.34 2.49 -1.96
N CYS A 4 0.40 1.34 -1.33
CA CYS A 4 1.22 0.24 -1.80
C CYS A 4 0.36 -0.97 -2.14
N CYS A 5 0.37 -1.36 -3.40
CA CYS A 5 -0.39 -2.51 -3.85
C CYS A 5 0.56 -3.67 -4.10
N GLY A 6 0.22 -4.83 -3.58
CA GLY A 6 1.10 -5.98 -3.76
C GLY A 6 0.36 -7.30 -3.86
N TYR A 7 0.06 -7.90 -2.72
CA TYR A 7 -0.63 -9.19 -2.66
C TYR A 7 -2.12 -9.07 -3.03
N LYS A 8 -2.36 -8.57 -4.25
CA LYS A 8 -3.71 -8.34 -4.80
C LYS A 8 -4.56 -7.48 -3.86
N LEU A 9 -3.87 -6.71 -3.04
CA LEU A 9 -4.51 -5.81 -2.09
C LEU A 9 -3.59 -4.63 -1.83
N CYS A 10 -4.17 -3.44 -1.80
CA CYS A 10 -3.40 -2.24 -1.57
C CYS A 10 -3.46 -1.85 -0.10
N HIS A 11 -2.33 -1.42 0.44
CA HIS A 11 -2.26 -1.01 1.83
C HIS A 11 -1.49 0.30 1.94
N HYP A 12 -1.90 1.19 2.85
CA HYP A 12 -1.24 2.50 3.02
C HYP A 12 0.14 2.39 3.64
O HYP A 12 0.38 1.58 4.54
CB HYP A 12 -2.18 3.24 3.97
CG HYP A 12 -3.51 2.65 3.69
CD HYP A 12 -3.29 1.20 3.36
OD1 HYP A 12 -4.14 3.26 2.57
HA HYP A 12 -1.17 3.02 2.09
HB2 HYP A 12 -2.16 4.30 3.73
HB3 HYP A 12 -1.88 3.09 4.99
HG HYP A 12 -4.19 2.78 4.53
HD22 HYP A 12 -3.37 0.60 4.26
HD23 HYP A 12 -3.98 0.87 2.62
HD1 HYP A 12 -4.91 3.71 2.92
N CYS A 13 1.06 3.20 3.13
CA CYS A 13 2.43 3.24 3.61
C CYS A 13 2.78 4.67 3.98
N ALA A 14 3.30 4.88 5.18
CA ALA A 14 3.67 6.23 5.61
C ALA A 14 4.82 6.78 4.80
N GLY A 15 4.58 7.88 4.09
CA GLY A 15 5.60 8.51 3.29
C GLY A 15 5.63 8.00 1.87
N ASN A 1 2.61 7.90 3.57
CA ASN A 1 3.02 8.66 2.40
C ASN A 1 2.11 8.40 1.21
N GLY A 2 1.71 7.15 1.05
CA GLY A 2 0.83 6.79 -0.03
C GLY A 2 0.33 5.37 0.10
N VAL A 3 -0.24 4.84 -0.96
CA VAL A 3 -0.76 3.49 -0.95
C VAL A 3 0.12 2.57 -1.78
N CYS A 4 0.33 1.38 -1.27
CA CYS A 4 1.16 0.39 -1.94
C CYS A 4 0.38 -0.91 -2.10
N CYS A 5 0.41 -1.47 -3.29
CA CYS A 5 -0.30 -2.71 -3.57
C CYS A 5 0.69 -3.86 -3.60
N GLY A 6 0.44 -4.87 -2.77
CA GLY A 6 1.36 -6.00 -2.70
C GLY A 6 0.69 -7.33 -2.95
N TYR A 7 0.20 -7.95 -1.89
CA TYR A 7 -0.45 -9.26 -1.96
C TYR A 7 -1.85 -9.19 -2.60
N LYS A 8 -1.90 -8.62 -3.80
CA LYS A 8 -3.15 -8.45 -4.56
C LYS A 8 -4.13 -7.56 -3.81
N LEU A 9 -3.57 -6.71 -2.95
CA LEU A 9 -4.36 -5.78 -2.17
C LEU A 9 -3.51 -4.56 -1.87
N CYS A 10 -4.11 -3.38 -1.98
CA CYS A 10 -3.39 -2.15 -1.73
C CYS A 10 -3.55 -1.72 -0.28
N HIS A 11 -2.47 -1.28 0.31
CA HIS A 11 -2.44 -0.85 1.70
C HIS A 11 -1.45 0.30 1.83
N HYP A 12 -1.74 1.31 2.67
CA HYP A 12 -0.83 2.44 2.85
C HYP A 12 0.56 1.98 3.23
O HYP A 12 0.72 1.14 4.11
CB HYP A 12 -1.49 3.22 3.99
CG HYP A 12 -2.94 3.02 3.74
CD HYP A 12 -3.11 1.65 3.13
OD1 HYP A 12 -3.46 3.97 2.84
HA HYP A 12 -0.78 3.06 1.96
HB2 HYP A 12 -1.21 4.26 3.91
HB3 HYP A 12 -1.17 2.82 4.93
HG HYP A 12 -3.51 3.13 4.66
HD22 HYP A 12 -3.46 0.94 3.87
HD23 HYP A 12 -3.80 1.70 2.29
HD1 HYP A 12 -4.16 4.43 3.30
N CYS A 13 1.54 2.51 2.53
CA CYS A 13 2.93 2.14 2.75
C CYS A 13 3.44 2.62 4.10
N ALA A 14 3.33 3.92 4.34
CA ALA A 14 3.77 4.51 5.60
C ALA A 14 3.25 5.94 5.76
N GLY A 15 1.98 6.14 5.47
CA GLY A 15 1.38 7.46 5.59
C GLY A 15 1.72 8.37 4.43
N ASN A 1 1.34 8.00 3.98
CA ASN A 1 1.65 8.98 2.96
C ASN A 1 1.58 8.41 1.55
N GLY A 2 1.29 7.13 1.44
CA GLY A 2 1.21 6.53 0.12
C GLY A 2 0.64 5.14 0.17
N VAL A 3 -0.14 4.81 -0.84
CA VAL A 3 -0.77 3.50 -0.95
C VAL A 3 0.14 2.56 -1.71
N CYS A 4 0.25 1.33 -1.25
CA CYS A 4 1.09 0.34 -1.89
C CYS A 4 0.32 -0.95 -2.13
N CYS A 5 0.40 -1.47 -3.35
CA CYS A 5 -0.30 -2.70 -3.70
C CYS A 5 0.69 -3.85 -3.74
N GLY A 6 0.45 -4.84 -2.88
CA GLY A 6 1.32 -5.99 -2.80
C GLY A 6 0.72 -7.23 -3.44
N TYR A 7 0.52 -8.25 -2.62
CA TYR A 7 -0.05 -9.53 -3.04
C TYR A 7 -1.54 -9.41 -3.37
N LYS A 8 -1.85 -8.52 -4.32
CA LYS A 8 -3.22 -8.27 -4.77
C LYS A 8 -4.01 -7.56 -3.69
N LEU A 9 -3.31 -6.71 -2.93
CA LEU A 9 -3.95 -5.96 -1.86
C LEU A 9 -3.22 -4.65 -1.65
N CYS A 10 -3.94 -3.55 -1.87
CA CYS A 10 -3.35 -2.23 -1.71
C CYS A 10 -3.57 -1.72 -0.29
N HIS A 11 -2.50 -1.24 0.32
CA HIS A 11 -2.55 -0.71 1.67
C HIS A 11 -1.47 0.35 1.81
N HYP A 12 -1.73 1.42 2.58
CA HYP A 12 -0.75 2.49 2.77
C HYP A 12 0.53 1.99 3.40
O HYP A 12 0.51 1.23 4.37
CB HYP A 12 -1.47 3.45 3.71
CG HYP A 12 -2.90 3.26 3.38
CD HYP A 12 -3.08 1.82 3.02
OD1 HYP A 12 -3.28 4.05 2.26
HA HYP A 12 -0.53 2.99 1.84
HB2 HYP A 12 -1.14 4.47 3.52
HB3 HYP A 12 -1.26 3.18 4.74
HG HYP A 12 -3.54 3.59 4.19
HD22 HYP A 12 -3.40 1.26 3.88
HD23 HYP A 12 -3.80 1.73 2.20
HD1 HYP A 12 -4.08 4.52 2.52
N CYS A 13 1.66 2.42 2.84
CA CYS A 13 2.97 2.02 3.34
C CYS A 13 3.28 2.75 4.64
N ALA A 14 2.91 4.01 4.70
CA ALA A 14 3.14 4.82 5.89
C ALA A 14 2.17 5.98 5.95
N GLY A 15 0.96 5.73 5.47
CA GLY A 15 -0.08 6.75 5.47
C GLY A 15 0.10 7.78 4.38
N ASN A 1 5.28 6.79 2.00
CA ASN A 1 5.39 6.24 0.65
C ASN A 1 4.11 6.43 -0.15
N GLY A 2 2.97 6.26 0.49
CA GLY A 2 1.70 6.39 -0.19
C GLY A 2 0.95 5.08 -0.19
N VAL A 3 0.25 4.80 -1.27
CA VAL A 3 -0.50 3.57 -1.37
C VAL A 3 0.37 2.48 -1.99
N CYS A 4 0.44 1.34 -1.33
CA CYS A 4 1.24 0.23 -1.80
C CYS A 4 0.33 -0.94 -2.16
N CYS A 5 0.37 -1.35 -3.42
CA CYS A 5 -0.44 -2.47 -3.86
C CYS A 5 0.45 -3.67 -4.15
N GLY A 6 0.12 -4.80 -3.55
CA GLY A 6 0.92 -6.00 -3.73
C GLY A 6 0.13 -7.17 -4.29
N TYR A 7 -0.14 -8.15 -3.43
CA TYR A 7 -0.87 -9.36 -3.80
C TYR A 7 -2.34 -9.10 -4.09
N LYS A 8 -2.60 -8.19 -5.03
CA LYS A 8 -3.95 -7.81 -5.43
C LYS A 8 -4.69 -7.14 -4.29
N LEU A 9 -3.93 -6.49 -3.42
CA LEU A 9 -4.48 -5.78 -2.28
C LEU A 9 -3.57 -4.61 -1.93
N CYS A 10 -4.16 -3.43 -1.83
CA CYS A 10 -3.40 -2.24 -1.53
C CYS A 10 -3.42 -1.93 -0.04
N HIS A 11 -2.30 -1.42 0.45
CA HIS A 11 -2.15 -1.06 1.86
C HIS A 11 -1.48 0.30 1.95
N HYP A 12 -1.92 1.16 2.87
CA HYP A 12 -1.34 2.50 3.01
C HYP A 12 0.01 2.47 3.72
O HYP A 12 0.13 1.98 4.83
CB HYP A 12 -2.36 3.26 3.84
CG HYP A 12 -3.64 2.57 3.54
CD HYP A 12 -3.33 1.13 3.34
OD1 HYP A 12 -4.25 3.06 2.36
HA HYP A 12 -1.23 2.97 2.05
HB2 HYP A 12 -2.39 4.29 3.53
HB3 HYP A 12 -2.10 3.19 4.88
HG HYP A 12 -4.36 2.74 4.35
HD22 HYP A 12 -3.42 0.58 4.27
HD23 HYP A 12 -3.97 0.70 2.59
HD1 HYP A 12 -4.91 3.70 2.65
N CYS A 13 0.99 3.05 3.06
CA CYS A 13 2.33 3.13 3.59
C CYS A 13 2.63 4.57 3.99
N ALA A 14 2.99 4.78 5.25
CA ALA A 14 3.28 6.12 5.74
C ALA A 14 4.51 6.70 5.06
N GLY A 15 4.33 7.83 4.37
CA GLY A 15 5.43 8.48 3.69
C GLY A 15 5.57 8.04 2.26
N ASN A 1 0.47 6.98 4.52
CA ASN A 1 0.37 8.15 3.66
C ASN A 1 0.19 7.74 2.20
N GLY A 2 1.12 6.94 1.70
CA GLY A 2 1.04 6.48 0.33
C GLY A 2 0.42 5.11 0.26
N VAL A 3 -0.20 4.80 -0.86
CA VAL A 3 -0.81 3.49 -1.04
C VAL A 3 0.11 2.57 -1.84
N CYS A 4 0.27 1.36 -1.35
CA CYS A 4 1.11 0.38 -2.00
C CYS A 4 0.36 -0.93 -2.18
N CYS A 5 0.46 -1.51 -3.37
CA CYS A 5 -0.22 -2.75 -3.68
C CYS A 5 0.78 -3.89 -3.67
N GLY A 6 0.50 -4.89 -2.86
CA GLY A 6 1.39 -6.03 -2.75
C GLY A 6 0.73 -7.35 -3.07
N TYR A 7 0.45 -8.12 -2.03
CA TYR A 7 -0.19 -9.43 -2.15
C TYR A 7 -1.65 -9.34 -2.59
N LYS A 8 -1.87 -8.71 -3.74
CA LYS A 8 -3.20 -8.52 -4.31
C LYS A 8 -4.07 -7.66 -3.41
N LEU A 9 -3.43 -6.81 -2.64
CA LEU A 9 -4.14 -5.91 -1.73
C LEU A 9 -3.35 -4.63 -1.54
N CYS A 10 -3.98 -3.52 -1.84
CA CYS A 10 -3.34 -2.23 -1.71
C CYS A 10 -3.60 -1.67 -0.31
N HIS A 11 -2.54 -1.19 0.31
CA HIS A 11 -2.63 -0.63 1.65
C HIS A 11 -1.55 0.42 1.84
N HYP A 12 -1.74 1.36 2.78
CA HYP A 12 -0.74 2.42 3.02
C HYP A 12 0.63 1.85 3.35
O HYP A 12 0.76 0.95 4.18
CB HYP A 12 -1.33 3.16 4.21
CG HYP A 12 -2.79 3.05 4.01
CD HYP A 12 -3.05 1.73 3.35
OD1 HYP A 12 -3.28 4.07 3.16
HA HYP A 12 -0.67 3.09 2.18
HB2 HYP A 12 -1.00 4.19 4.20
HB3 HYP A 12 -1.00 2.68 5.14
HG HYP A 12 -3.32 3.17 4.95
HD22 HYP A 12 -3.38 0.99 4.08
HD23 HYP A 12 -3.80 1.84 2.57
HD1 HYP A 12 -3.96 4.53 3.65
N CYS A 13 1.64 2.38 2.68
CA CYS A 13 3.02 1.93 2.88
C CYS A 13 3.56 2.49 4.18
N ALA A 14 3.20 3.71 4.49
CA ALA A 14 3.64 4.37 5.72
C ALA A 14 2.58 5.33 6.23
N GLY A 15 1.33 4.92 6.11
CA GLY A 15 0.22 5.72 6.56
C GLY A 15 0.07 7.02 5.78
N ASN A 1 2.84 7.71 3.35
CA ASN A 1 3.35 8.40 2.17
C ASN A 1 2.41 8.20 1.00
N GLY A 2 1.73 7.06 0.99
CA GLY A 2 0.80 6.74 -0.06
C GLY A 2 0.28 5.34 0.09
N VAL A 3 -0.26 4.79 -0.99
CA VAL A 3 -0.79 3.44 -0.97
C VAL A 3 0.09 2.52 -1.80
N CYS A 4 0.37 1.35 -1.25
CA CYS A 4 1.20 0.36 -1.93
C CYS A 4 0.41 -0.93 -2.14
N CYS A 5 0.48 -1.46 -3.35
CA CYS A 5 -0.23 -2.69 -3.68
C CYS A 5 0.75 -3.85 -3.75
N GLY A 6 0.53 -4.84 -2.89
CA GLY A 6 1.42 -5.99 -2.86
C GLY A 6 1.00 -7.08 -3.82
N TYR A 7 -0.24 -7.53 -3.70
CA TYR A 7 -0.77 -8.58 -4.56
C TYR A 7 -2.29 -8.52 -4.55
N LYS A 8 -2.84 -7.85 -5.58
CA LYS A 8 -4.28 -7.64 -5.76
C LYS A 8 -4.90 -7.06 -4.49
N LEU A 9 -4.08 -6.37 -3.72
CA LEU A 9 -4.49 -5.74 -2.48
C LEU A 9 -3.58 -4.54 -2.22
N CYS A 10 -4.17 -3.41 -1.92
CA CYS A 10 -3.41 -2.21 -1.68
C CYS A 10 -3.57 -1.74 -0.24
N HIS A 11 -2.50 -1.23 0.34
CA HIS A 11 -2.50 -0.76 1.71
C HIS A 11 -1.48 0.35 1.85
N HYP A 12 -1.76 1.38 2.70
CA HYP A 12 -0.81 2.47 2.88
C HYP A 12 0.54 1.96 3.34
O HYP A 12 0.63 1.17 4.28
CB HYP A 12 -1.48 3.31 3.96
CG HYP A 12 -2.92 3.16 3.67
CD HYP A 12 -3.12 1.80 3.06
OD1 HYP A 12 -3.36 4.12 2.72
HA HYP A 12 -0.69 3.06 1.98
HB2 HYP A 12 -1.15 4.33 3.88
HB3 HYP A 12 -1.22 2.92 4.93
HG HYP A 12 -3.52 3.31 4.55
HD22 HYP A 12 -3.56 1.12 3.79
HD23 HYP A 12 -3.76 1.85 2.19
HD1 HYP A 12 -3.96 4.71 3.20
N CYS A 13 1.58 2.39 2.64
CA CYS A 13 2.94 1.95 2.92
C CYS A 13 3.43 2.49 4.26
N ALA A 14 3.41 3.81 4.41
CA ALA A 14 3.85 4.44 5.64
C ALA A 14 3.38 5.89 5.71
N GLY A 15 2.12 6.11 5.35
CA GLY A 15 1.56 7.45 5.38
C GLY A 15 2.00 8.29 4.20
N ASN A 1 1.63 7.81 3.96
CA ASN A 1 2.04 8.81 2.98
C ASN A 1 1.62 8.40 1.57
N GLY A 2 1.44 7.11 1.35
CA GLY A 2 1.05 6.62 0.05
C GLY A 2 0.58 5.20 0.10
N VAL A 3 -0.27 4.83 -0.84
CA VAL A 3 -0.81 3.49 -0.91
C VAL A 3 0.09 2.58 -1.74
N CYS A 4 0.30 1.38 -1.26
CA CYS A 4 1.13 0.40 -1.93
C CYS A 4 0.37 -0.91 -2.09
N CYS A 5 0.41 -1.48 -3.28
CA CYS A 5 -0.29 -2.73 -3.53
C CYS A 5 0.71 -3.87 -3.58
N GLY A 6 0.39 -4.95 -2.88
CA GLY A 6 1.29 -6.09 -2.85
C GLY A 6 0.60 -7.42 -3.08
N TYR A 7 0.17 -8.07 -2.00
CA TYR A 7 -0.50 -9.37 -2.06
C TYR A 7 -1.92 -9.28 -2.62
N LYS A 8 -2.04 -8.68 -3.80
CA LYS A 8 -3.33 -8.50 -4.48
C LYS A 8 -4.27 -7.61 -3.65
N LEU A 9 -3.66 -6.78 -2.82
CA LEU A 9 -4.41 -5.86 -1.98
C LEU A 9 -3.56 -4.63 -1.72
N CYS A 10 -4.13 -3.47 -1.95
CA CYS A 10 -3.41 -2.23 -1.77
C CYS A 10 -3.57 -1.74 -0.33
N HIS A 11 -2.48 -1.27 0.25
CA HIS A 11 -2.50 -0.75 1.61
C HIS A 11 -1.42 0.33 1.76
N HYP A 12 -1.67 1.36 2.57
CA HYP A 12 -0.70 2.45 2.75
C HYP A 12 0.61 1.95 3.36
O HYP A 12 0.61 1.22 4.34
CB HYP A 12 -1.41 3.40 3.71
CG HYP A 12 -2.84 3.21 3.38
CD HYP A 12 -3.02 1.76 3.03
OD1 HYP A 12 -3.22 3.98 2.26
HA HYP A 12 -0.49 2.96 1.83
HB2 HYP A 12 -1.09 4.41 3.53
HB3 HYP A 12 -1.19 3.12 4.73
HG HYP A 12 -3.47 3.53 4.21
HD22 HYP A 12 -3.31 1.19 3.91
HD23 HYP A 12 -3.75 1.65 2.25
HD1 HYP A 12 -4.06 4.41 2.50
N CYS A 13 1.71 2.38 2.76
CA CYS A 13 3.04 1.99 3.23
C CYS A 13 3.33 2.62 4.58
N ALA A 14 3.02 3.91 4.71
CA ALA A 14 3.25 4.62 5.96
C ALA A 14 2.35 5.84 6.05
N GLY A 15 1.13 5.69 5.53
CA GLY A 15 0.16 6.77 5.56
C GLY A 15 0.45 7.85 4.54
N ASN A 1 1.40 7.64 4.22
CA ASN A 1 1.59 8.70 3.23
C ASN A 1 1.22 8.24 1.83
N GLY A 2 1.53 7.00 1.48
CA GLY A 2 1.22 6.52 0.16
C GLY A 2 0.69 5.10 0.18
N VAL A 3 -0.18 4.82 -0.76
CA VAL A 3 -0.78 3.50 -0.88
C VAL A 3 0.08 2.62 -1.77
N CYS A 4 0.27 1.38 -1.37
CA CYS A 4 1.07 0.44 -2.12
C CYS A 4 0.35 -0.90 -2.20
N CYS A 5 0.40 -1.54 -3.36
CA CYS A 5 -0.28 -2.80 -3.55
C CYS A 5 0.71 -3.94 -3.51
N GLY A 6 0.56 -4.81 -2.51
CA GLY A 6 1.45 -5.93 -2.34
C GLY A 6 0.90 -7.23 -2.90
N TYR A 7 0.55 -8.14 -2.01
CA TYR A 7 0.00 -9.45 -2.36
C TYR A 7 -1.42 -9.35 -2.91
N LYS A 8 -1.58 -8.58 -3.98
CA LYS A 8 -2.87 -8.37 -4.63
C LYS A 8 -3.82 -7.60 -3.72
N LEU A 9 -3.24 -6.73 -2.91
CA LEU A 9 -4.00 -5.91 -1.99
C LEU A 9 -3.27 -4.60 -1.75
N CYS A 10 -3.96 -3.49 -1.94
CA CYS A 10 -3.36 -2.18 -1.75
C CYS A 10 -3.56 -1.71 -0.32
N HIS A 11 -2.49 -1.21 0.28
CA HIS A 11 -2.52 -0.73 1.65
C HIS A 11 -1.49 0.38 1.79
N HYP A 12 -1.73 1.37 2.67
CA HYP A 12 -0.74 2.45 2.85
C HYP A 12 0.56 1.90 3.38
O HYP A 12 0.58 1.15 4.36
CB HYP A 12 -1.42 3.35 3.87
CG HYP A 12 -2.86 3.24 3.52
CD HYP A 12 -3.09 1.85 2.98
OD1 HYP A 12 -3.22 4.16 2.53
HA HYP A 12 -0.57 2.99 1.93
HB2 HYP A 12 -1.06 4.36 3.74
HB3 HYP A 12 -1.21 3.00 4.87
HG HYP A 12 -3.47 3.46 4.39
HD22 HYP A 12 -3.55 1.23 3.73
HD23 HYP A 12 -3.71 1.89 2.09
HD1 HYP A 12 -3.65 4.90 2.98
N CYS A 13 1.64 2.25 2.72
CA CYS A 13 2.97 1.77 3.10
C CYS A 13 3.45 2.44 4.37
N ALA A 14 3.11 3.72 4.53
CA ALA A 14 3.50 4.46 5.72
C ALA A 14 2.53 5.60 5.99
N GLY A 15 1.27 5.35 5.66
CA GLY A 15 0.22 6.34 5.86
C GLY A 15 0.26 7.45 4.84
N ASN A 1 1.67 7.94 3.80
CA ASN A 1 2.16 8.87 2.79
C ASN A 1 1.79 8.40 1.39
N GLY A 2 1.57 7.10 1.24
CA GLY A 2 1.21 6.58 -0.05
C GLY A 2 0.64 5.18 0.04
N VAL A 3 -0.17 4.83 -0.94
CA VAL A 3 -0.79 3.52 -0.99
C VAL A 3 0.12 2.57 -1.74
N CYS A 4 0.27 1.36 -1.22
CA CYS A 4 1.12 0.36 -1.84
C CYS A 4 0.35 -0.92 -2.08
N CYS A 5 0.41 -1.45 -3.28
CA CYS A 5 -0.30 -2.67 -3.62
C CYS A 5 0.67 -3.83 -3.66
N GLY A 6 0.43 -4.82 -2.82
CA GLY A 6 1.29 -5.98 -2.76
C GLY A 6 0.67 -7.23 -3.36
N TYR A 7 0.33 -8.17 -2.49
CA TYR A 7 -0.27 -9.45 -2.89
C TYR A 7 -1.72 -9.29 -3.37
N LYS A 8 -1.90 -8.46 -4.39
CA LYS A 8 -3.20 -8.18 -4.97
C LYS A 8 -4.09 -7.45 -3.98
N LEU A 9 -3.46 -6.64 -3.14
CA LEU A 9 -4.16 -5.85 -2.14
C LEU A 9 -3.37 -4.58 -1.87
N CYS A 10 -4.05 -3.45 -1.94
CA CYS A 10 -3.40 -2.17 -1.72
C CYS A 10 -3.57 -1.73 -0.27
N HIS A 11 -2.48 -1.29 0.33
CA HIS A 11 -2.46 -0.84 1.70
C HIS A 11 -1.40 0.25 1.84
N HYP A 12 -1.72 1.36 2.52
CA HYP A 12 -0.76 2.46 2.68
C HYP A 12 0.51 2.00 3.37
O HYP A 12 0.46 1.28 4.38
CB HYP A 12 -1.52 3.45 3.56
CG HYP A 12 -2.93 3.26 3.15
CD HYP A 12 -3.11 1.81 2.77
OD1 HYP A 12 -3.25 4.04 2.02
HA HYP A 12 -0.52 2.92 1.74
HB2 HYP A 12 -1.18 4.45 3.36
HB3 HYP A 12 -1.37 3.20 4.60
HG HYP A 12 -3.61 3.57 3.93
HD22 HYP A 12 -3.55 1.27 3.58
HD23 HYP A 12 -3.71 1.73 1.87
HD1 HYP A 12 -3.99 4.61 2.27
N CYS A 13 1.65 2.39 2.82
CA CYS A 13 2.94 2.01 3.38
C CYS A 13 3.19 2.71 4.71
N ALA A 14 2.85 3.99 4.77
CA ALA A 14 3.03 4.76 6.00
C ALA A 14 2.18 6.02 5.99
N GLY A 15 0.99 5.90 5.44
CA GLY A 15 0.08 7.03 5.37
C GLY A 15 0.45 8.05 4.31
N ASN A 1 2.92 7.43 3.31
CA ASN A 1 3.16 7.89 2.17
C ASN A 1 2.38 7.71 1.03
N GLY A 2 1.94 6.81 1.07
CA GLY A 2 1.19 6.56 0.04
C GLY A 2 0.59 5.18 0.06
N VAL A 3 -0.10 4.83 -0.99
CA VAL A 3 -0.71 3.52 -1.08
C VAL A 3 0.19 2.56 -1.84
N CYS A 4 0.32 1.36 -1.32
CA CYS A 4 1.15 0.34 -1.93
C CYS A 4 0.36 -0.93 -2.15
N CYS A 5 0.41 -1.45 -3.35
CA CYS A 5 -0.30 -2.67 -3.68
C CYS A 5 0.67 -3.82 -3.76
N GLY A 6 0.40 -4.85 -2.97
CA GLY A 6 1.27 -6.00 -2.96
C GLY A 6 0.62 -7.26 -3.42
N TYR A 7 0.24 -8.07 -2.51
CA TYR A 7 -0.38 -9.34 -2.78
C TYR A 7 -1.84 -9.20 -3.19
N LYS A 8 -2.05 -8.50 -4.27
CA LYS A 8 -3.37 -8.25 -4.82
C LYS A 8 -4.23 -7.47 -3.84
N LEU A 9 -3.57 -6.68 -3.03
CA LEU A 9 -4.23 -5.87 -2.05
C LEU A 9 -3.42 -4.62 -1.80
N CYS A 10 -4.06 -3.48 -1.89
CA CYS A 10 -3.38 -2.21 -1.68
C CYS A 10 -3.54 -1.76 -0.24
N HIS A 11 -2.46 -1.28 0.34
CA HIS A 11 -2.45 -0.81 1.71
C HIS A 11 -1.49 0.35 1.85
N HYP A 12 -1.77 1.31 2.73
CA HYP A 12 -0.90 2.44 2.92
C HYP A 12 0.45 2.04 3.44
O HYP A 12 0.54 1.26 4.37
CB HYP A 12 -1.63 3.27 3.93
CG HYP A 12 -3.04 2.99 3.65
CD HYP A 12 -3.14 1.60 3.18
OD1 HYP A 12 -3.52 3.81 2.65
HA HYP A 12 -0.77 3.01 2.02
HB2 HYP A 12 -1.39 4.31 3.80
HB3 HYP A 12 -1.37 2.97 4.92
HG HYP A 12 -3.66 3.17 4.51
HD22 HYP A 12 -3.43 0.95 3.98
HD23 HYP A 12 -3.81 1.52 2.37
HD1 HYP A 12 -4.21 4.34 3.02
N CYS A 13 1.48 2.58 2.83
CA CYS A 13 2.83 2.29 3.21
C CYS A 13 3.26 3.13 4.25
N ALA A 14 3.32 3.99 4.73
CA ALA A 14 3.71 4.85 5.73
C ALA A 14 3.58 5.91 5.66
N GLY A 15 2.67 6.24 5.29
CA GLY A 15 2.45 7.24 5.20
C GLY A 15 2.65 7.78 4.04
#